data_6SCR
#
_entry.id   6SCR
#
_cell.length_a   70.681
_cell.length_b   70.681
_cell.length_c   64.787
_cell.angle_alpha   90.000
_cell.angle_beta   90.000
_cell.angle_gamma   120.000
#
_symmetry.space_group_name_H-M   'P 63'
#
loop_
_entity.id
_entity.type
_entity.pdbx_description
1 polymer 'Carbon dioxide-concentrating mechanism protein CcmK homolog 4'
2 non-polymer 1,2-ETHANEDIOL
3 water water
#
_entity_poly.entity_id   1
_entity_poly.type   'polypeptide(L)'
_entity_poly.pdbx_seq_one_letter_code
;MAHHHHASGENLYFQGAMAAQSAVGSIETIGFPGILAAADAMVKAGRITIVGYIRAGSARFTLNIRGDVQEVKTAMAAGI
DAINRTEGADVKTWVIIPRPHENVVAVLPIDFSPEVEPFREAAEGLNRRA
;
_entity_poly.pdbx_strand_id   A,B
#
# COMPACT_ATOMS: atom_id res chain seq x y z
N GLN A 21 -7.32 -19.59 -17.26
CA GLN A 21 -6.82 -18.61 -16.31
C GLN A 21 -7.46 -17.24 -16.50
N SER A 22 -7.86 -16.60 -15.39
CA SER A 22 -8.35 -15.23 -15.49
C SER A 22 -7.19 -14.27 -15.78
N ALA A 23 -7.54 -13.07 -16.21
CA ALA A 23 -6.51 -12.12 -16.62
C ALA A 23 -5.66 -11.71 -15.41
N VAL A 24 -4.45 -11.23 -15.70
CA VAL A 24 -3.57 -10.68 -14.68
C VAL A 24 -3.24 -9.24 -15.05
N GLY A 25 -3.27 -8.36 -14.07
CA GLY A 25 -2.79 -7.00 -14.22
C GLY A 25 -1.68 -6.74 -13.22
N SER A 26 -0.71 -5.94 -13.63
CA SER A 26 0.45 -5.61 -12.80
C SER A 26 0.79 -4.15 -12.97
N ILE A 27 1.04 -3.46 -11.86
CA ILE A 27 1.40 -2.04 -11.89
C ILE A 27 2.56 -1.83 -10.92
N GLU A 28 3.44 -0.89 -11.25
CA GLU A 28 4.63 -0.60 -10.46
C GLU A 28 4.81 0.90 -10.29
N THR A 29 5.15 1.32 -9.07
CA THR A 29 5.42 2.71 -8.76
C THR A 29 6.62 2.79 -7.82
N ILE A 30 7.16 3.99 -7.70
CA ILE A 30 8.19 4.28 -6.71
C ILE A 30 7.49 4.63 -5.40
N GLY A 31 7.77 3.87 -4.35
CA GLY A 31 7.25 4.15 -3.02
C GLY A 31 6.03 3.33 -2.67
N PHE A 32 5.92 3.00 -1.37
CA PHE A 32 4.86 2.14 -0.86
C PHE A 32 3.53 2.88 -0.79
N PRO A 33 3.50 4.16 -0.38
CA PRO A 33 2.21 4.86 -0.38
C PRO A 33 1.51 4.81 -1.73
N GLY A 34 2.26 4.90 -2.83
CA GLY A 34 1.63 4.85 -4.14
C GLY A 34 1.01 3.50 -4.44
N ILE A 35 1.67 2.41 -4.04
CA ILE A 35 1.10 1.09 -4.30
C ILE A 35 -0.09 0.82 -3.38
N LEU A 36 -0.07 1.39 -2.18
CA LEU A 36 -1.24 1.33 -1.31
C LEU A 36 -2.43 2.06 -1.92
N ALA A 37 -2.19 3.24 -2.48
CA ALA A 37 -3.26 3.98 -3.16
C ALA A 37 -3.79 3.19 -4.35
N ALA A 38 -2.88 2.64 -5.16
CA ALA A 38 -3.31 1.86 -6.32
C ALA A 38 -4.13 0.66 -5.89
N ALA A 39 -3.68 -0.04 -4.85
CA ALA A 39 -4.35 -1.26 -4.41
C ALA A 39 -5.79 -0.97 -4.02
N ASP A 40 -6.00 0.07 -3.22
CA ASP A 40 -7.35 0.36 -2.74
C ASP A 40 -8.24 0.83 -3.88
N ALA A 41 -7.74 1.70 -4.75
CA ALA A 41 -8.55 2.16 -5.86
C ALA A 41 -8.89 1.02 -6.81
N MET A 42 -7.94 0.10 -7.02
CA MET A 42 -8.16 -0.98 -7.98
C MET A 42 -9.26 -1.93 -7.49
N VAL A 43 -9.17 -2.40 -6.25
CA VAL A 43 -10.15 -3.36 -5.79
C VAL A 43 -11.51 -2.72 -5.59
N LYS A 44 -11.58 -1.40 -5.40
CA LYS A 44 -12.86 -0.73 -5.30
C LYS A 44 -13.48 -0.42 -6.66
N ALA A 45 -12.67 -0.38 -7.72
CA ALA A 45 -13.19 0.00 -9.03
C ALA A 45 -13.71 -1.18 -9.83
N GLY A 46 -13.16 -2.38 -9.61
CA GLY A 46 -13.54 -3.54 -10.40
C GLY A 46 -13.60 -4.79 -9.56
N ARG A 47 -14.26 -5.81 -10.14
CA ARG A 47 -14.35 -7.13 -9.52
C ARG A 47 -13.04 -7.86 -9.78
N ILE A 48 -12.04 -7.53 -8.98
CA ILE A 48 -10.71 -8.11 -9.08
C ILE A 48 -10.27 -8.56 -7.70
N THR A 49 -9.22 -9.38 -7.68
CA THR A 49 -8.56 -9.84 -6.46
C THR A 49 -7.12 -9.35 -6.51
N ILE A 50 -6.66 -8.73 -5.43
CA ILE A 50 -5.23 -8.45 -5.27
C ILE A 50 -4.58 -9.75 -4.80
N VAL A 51 -3.66 -10.29 -5.60
CA VAL A 51 -3.04 -11.56 -5.24
C VAL A 51 -1.65 -11.41 -4.60
N GLY A 52 -1.00 -10.27 -4.74
CA GLY A 52 0.29 -10.08 -4.10
C GLY A 52 0.89 -8.73 -4.42
N TYR A 53 1.96 -8.39 -3.69
CA TYR A 53 2.77 -7.23 -4.00
C TYR A 53 4.24 -7.64 -3.90
N ILE A 54 5.10 -6.86 -4.56
CA ILE A 54 6.54 -7.13 -4.60
C ILE A 54 7.29 -5.89 -4.16
N ARG A 55 8.21 -6.05 -3.22
CA ARG A 55 9.24 -5.06 -2.94
C ARG A 55 10.35 -5.27 -3.96
N ALA A 56 10.30 -4.51 -5.06
CA ALA A 56 11.08 -4.76 -6.27
C ALA A 56 12.52 -4.33 -6.16
N GLY A 57 12.85 -3.52 -5.17
CA GLY A 57 14.14 -2.90 -5.09
C GLY A 57 14.09 -1.45 -5.54
N SER A 58 15.07 -0.67 -5.07
N SER A 58 15.07 -0.68 -5.06
CA SER A 58 15.16 0.74 -5.40
CA SER A 58 15.17 0.74 -5.38
C SER A 58 13.90 1.50 -4.99
C SER A 58 13.90 1.50 -4.98
N ALA A 59 13.23 1.04 -3.93
CA ALA A 59 12.03 1.66 -3.39
C ALA A 59 10.83 1.52 -4.32
N ARG A 60 10.94 0.69 -5.35
CA ARG A 60 9.80 0.40 -6.21
C ARG A 60 8.99 -0.76 -5.67
N PHE A 61 7.66 -0.67 -5.85
CA PHE A 61 6.74 -1.71 -5.44
C PHE A 61 5.83 -2.08 -6.59
N THR A 62 5.53 -3.38 -6.68
CA THR A 62 4.65 -3.97 -7.68
C THR A 62 3.39 -4.47 -7.02
N LEU A 63 2.24 -4.28 -7.68
CA LEU A 63 0.99 -4.89 -7.27
C LEU A 63 0.46 -5.74 -8.42
N ASN A 64 -0.01 -6.93 -8.10
CA ASN A 64 -0.55 -7.87 -9.07
C ASN A 64 -1.98 -8.23 -8.72
N ILE A 65 -2.86 -8.15 -9.73
CA ILE A 65 -4.27 -8.42 -9.55
C ILE A 65 -4.71 -9.44 -10.59
N ARG A 66 -5.87 -10.07 -10.32
CA ARG A 66 -6.46 -11.05 -11.21
C ARG A 66 -7.95 -10.76 -11.34
N GLY A 67 -8.52 -11.15 -12.48
CA GLY A 67 -9.96 -11.15 -12.65
C GLY A 67 -10.32 -11.20 -14.12
N ASP A 68 -11.61 -11.08 -14.40
CA ASP A 68 -12.06 -10.94 -15.77
C ASP A 68 -11.38 -9.72 -16.41
N VAL A 69 -11.07 -9.83 -17.69
CA VAL A 69 -10.20 -8.85 -18.33
C VAL A 69 -10.80 -7.45 -18.32
N GLN A 70 -12.12 -7.33 -18.49
N GLN A 70 -12.12 -7.33 -18.49
CA GLN A 70 -12.72 -6.00 -18.44
CA GLN A 70 -12.71 -5.99 -18.45
C GLN A 70 -12.62 -5.40 -17.04
C GLN A 70 -12.62 -5.39 -17.04
N GLU A 71 -12.79 -6.23 -16.02
CA GLU A 71 -12.66 -5.76 -14.64
C GLU A 71 -11.22 -5.34 -14.36
N VAL A 72 -10.25 -6.09 -14.85
CA VAL A 72 -8.85 -5.70 -14.68
C VAL A 72 -8.58 -4.36 -15.37
N LYS A 73 -9.11 -4.19 -16.58
CA LYS A 73 -8.92 -2.92 -17.28
C LYS A 73 -9.48 -1.75 -16.50
N THR A 74 -10.72 -1.87 -16.01
CA THR A 74 -11.30 -0.79 -15.21
C THR A 74 -10.47 -0.53 -13.97
N ALA A 75 -10.05 -1.59 -13.28
CA ALA A 75 -9.24 -1.43 -12.08
C ALA A 75 -7.91 -0.75 -12.39
N MET A 76 -7.24 -1.18 -13.46
CA MET A 76 -5.96 -0.59 -13.83
C MET A 76 -6.08 0.91 -14.05
N ALA A 77 -7.12 1.35 -14.76
CA ALA A 77 -7.31 2.78 -14.97
C ALA A 77 -7.47 3.51 -13.64
N ALA A 78 -8.19 2.90 -12.70
CA ALA A 78 -8.39 3.53 -11.39
C ALA A 78 -7.09 3.53 -10.59
N GLY A 79 -6.30 2.47 -10.72
CA GLY A 79 -5.01 2.43 -10.03
C GLY A 79 -4.06 3.50 -10.54
N ILE A 80 -4.00 3.67 -11.86
CA ILE A 80 -3.16 4.72 -12.44
C ILE A 80 -3.61 6.09 -11.96
N ASP A 81 -4.91 6.33 -11.94
CA ASP A 81 -5.41 7.63 -11.50
C ASP A 81 -5.09 7.88 -10.03
N ALA A 82 -5.21 6.84 -9.20
CA ALA A 82 -4.87 6.99 -7.79
C ALA A 82 -3.41 7.35 -7.60
N ILE A 83 -2.51 6.63 -8.29
CA ILE A 83 -1.10 6.94 -8.18
C ILE A 83 -0.83 8.37 -8.64
N ASN A 84 -1.45 8.78 -9.75
CA ASN A 84 -1.22 10.14 -10.24
C ASN A 84 -1.59 11.17 -9.18
N ARG A 85 -2.60 10.91 -8.38
CA ARG A 85 -3.06 11.87 -7.36
C ARG A 85 -2.32 11.68 -6.03
N THR A 86 -1.38 10.75 -5.90
CA THR A 86 -0.66 10.54 -4.65
C THR A 86 0.65 11.30 -4.68
N GLU A 87 0.89 12.12 -3.65
CA GLU A 87 2.07 12.95 -3.63
C GLU A 87 3.32 12.08 -3.66
N GLY A 88 4.23 12.38 -4.59
CA GLY A 88 5.49 11.70 -4.67
C GLY A 88 5.47 10.36 -5.37
N ALA A 89 4.35 9.96 -5.97
CA ALA A 89 4.23 8.69 -6.66
C ALA A 89 3.97 8.92 -8.14
N ASP A 90 4.58 8.09 -8.98
CA ASP A 90 4.36 8.15 -10.42
C ASP A 90 4.25 6.72 -10.94
N VAL A 91 3.45 6.52 -11.97
CA VAL A 91 3.33 5.20 -12.58
C VAL A 91 4.56 4.94 -13.44
N LYS A 92 5.32 3.91 -13.08
CA LYS A 92 6.52 3.58 -13.81
C LYS A 92 6.28 2.62 -14.98
N THR A 93 5.39 1.63 -14.81
CA THR A 93 5.17 0.61 -15.83
C THR A 93 3.98 -0.23 -15.38
N TRP A 94 3.22 -0.73 -16.37
CA TRP A 94 2.08 -1.60 -16.08
C TRP A 94 1.79 -2.47 -17.30
N VAL A 95 1.04 -3.55 -17.07
CA VAL A 95 0.62 -4.42 -18.18
C VAL A 95 -0.64 -5.18 -17.77
N ILE A 96 -1.41 -5.62 -18.77
CA ILE A 96 -2.50 -6.56 -18.58
C ILE A 96 -2.31 -7.72 -19.55
N ILE A 97 -2.34 -8.94 -19.04
CA ILE A 97 -2.26 -10.16 -19.83
C ILE A 97 -3.63 -10.84 -19.77
N PRO A 98 -4.39 -10.92 -20.87
CA PRO A 98 -5.75 -11.48 -20.77
C PRO A 98 -5.82 -12.94 -20.34
N ARG A 99 -4.89 -13.78 -20.80
CA ARG A 99 -4.98 -15.24 -20.61
C ARG A 99 -3.61 -15.81 -20.30
N PRO A 100 -3.10 -15.55 -19.09
CA PRO A 100 -1.72 -15.96 -18.78
C PRO A 100 -1.56 -17.48 -18.82
N HIS A 101 -0.43 -17.91 -19.37
CA HIS A 101 -0.10 -19.33 -19.48
C HIS A 101 0.12 -19.94 -18.10
N GLU A 102 -0.25 -21.22 -17.99
CA GLU A 102 -0.18 -21.91 -16.70
C GLU A 102 1.25 -21.92 -16.15
N ASN A 103 2.25 -22.05 -17.02
CA ASN A 103 3.65 -22.04 -16.60
C ASN A 103 4.03 -20.68 -16.03
N VAL A 104 3.40 -19.60 -16.52
CA VAL A 104 3.64 -18.27 -16.00
C VAL A 104 3.07 -18.14 -14.59
N VAL A 105 1.82 -18.59 -14.42
CA VAL A 105 1.17 -18.55 -13.12
C VAL A 105 1.93 -19.39 -12.09
N ALA A 106 2.56 -20.48 -12.54
CA ALA A 106 3.24 -21.37 -11.60
C ALA A 106 4.61 -20.86 -11.16
N VAL A 107 5.25 -20.02 -11.95
CA VAL A 107 6.60 -19.56 -11.66
C VAL A 107 6.60 -18.13 -11.13
N LEU A 108 5.76 -17.30 -11.64
CA LEU A 108 5.71 -15.92 -11.17
C LEU A 108 4.65 -15.78 -10.08
N PRO A 109 4.80 -14.79 -9.19
CA PRO A 109 3.88 -14.69 -8.03
C PRO A 109 2.55 -14.02 -8.37
N ILE A 110 1.78 -14.64 -9.26
CA ILE A 110 0.51 -14.06 -9.68
C ILE A 110 -0.67 -15.00 -9.44
N ASP A 111 -0.46 -16.12 -8.75
CA ASP A 111 -1.52 -17.08 -8.50
C ASP A 111 -2.28 -16.71 -7.24
N PHE A 112 -3.47 -17.30 -7.10
CA PHE A 112 -4.27 -17.14 -5.89
C PHE A 112 -3.63 -17.91 -4.73
N SER A 113 -4.05 -17.56 -3.52
CA SER A 113 -3.60 -18.24 -2.31
C SER A 113 -4.75 -18.24 -1.32
N PRO A 114 -4.70 -19.12 -0.31
CA PRO A 114 -5.78 -19.14 0.70
C PRO A 114 -6.03 -17.78 1.32
N GLU A 115 -4.98 -16.98 1.51
CA GLU A 115 -5.10 -15.66 2.11
C GLU A 115 -6.09 -14.77 1.37
N VAL A 116 -6.22 -14.93 0.06
CA VAL A 116 -7.09 -14.08 -0.74
C VAL A 116 -8.27 -14.85 -1.31
N GLU A 117 -8.45 -16.11 -0.91
CA GLU A 117 -9.59 -16.88 -1.43
C GLU A 117 -10.94 -16.25 -1.09
N PRO A 118 -11.14 -15.65 0.08
CA PRO A 118 -12.43 -14.95 0.30
C PRO A 118 -12.70 -13.87 -0.74
N PHE A 119 -11.65 -13.20 -1.24
CA PHE A 119 -11.83 -12.13 -2.22
C PHE A 119 -11.92 -12.66 -3.64
N ARG A 120 -11.40 -13.85 -3.91
CA ARG A 120 -11.60 -14.48 -5.21
C ARG A 120 -13.06 -14.90 -5.38
N GLU A 121 -13.65 -15.49 -4.33
CA GLU A 121 -15.05 -15.92 -4.41
C GLU A 121 -15.97 -14.73 -4.62
N ALA A 122 -15.80 -13.68 -3.80
CA ALA A 122 -16.56 -12.45 -4.01
C ALA A 122 -16.36 -11.92 -5.43
N ALA A 123 -15.11 -11.88 -5.89
CA ALA A 123 -14.84 -11.44 -7.26
C ALA A 123 -15.46 -12.40 -8.27
N GLU A 124 -15.23 -13.70 -8.11
CA GLU A 124 -15.78 -14.70 -9.03
C GLU A 124 -17.29 -14.83 -8.87
N GLN B 21 -13.22 -0.99 9.84
CA GLN B 21 -11.87 -0.99 9.26
C GLN B 21 -11.32 0.44 9.27
N SER B 22 -10.44 0.73 10.21
CA SER B 22 -9.99 2.09 10.43
C SER B 22 -9.08 2.55 9.28
N ALA B 23 -8.83 3.86 9.24
CA ALA B 23 -8.02 4.46 8.20
C ALA B 23 -6.57 3.99 8.31
N VAL B 24 -5.86 4.07 7.19
CA VAL B 24 -4.44 3.78 7.15
C VAL B 24 -3.70 5.00 6.62
N GLY B 25 -2.58 5.32 7.24
CA GLY B 25 -1.69 6.36 6.76
C GLY B 25 -0.32 5.77 6.53
N SER B 26 0.35 6.23 5.47
CA SER B 26 1.66 5.74 5.10
C SER B 26 2.57 6.89 4.71
N ILE B 27 3.80 6.88 5.20
CA ILE B 27 4.77 7.92 4.85
C ILE B 27 6.11 7.24 4.60
N GLU B 28 6.88 7.83 3.67
CA GLU B 28 8.18 7.28 3.29
C GLU B 28 9.20 8.40 3.23
N THR B 29 10.40 8.14 3.74
CA THR B 29 11.46 9.12 3.71
C THR B 29 12.77 8.43 3.36
N ILE B 30 13.77 9.23 3.04
CA ILE B 30 15.12 8.74 2.84
C ILE B 30 15.80 8.73 4.21
N GLY B 31 16.26 7.56 4.64
CA GLY B 31 17.02 7.49 5.88
C GLY B 31 16.18 7.05 7.07
N PHE B 32 16.78 6.29 7.97
CA PHE B 32 16.07 5.78 9.13
C PHE B 32 15.82 6.86 10.17
N PRO B 33 16.77 7.78 10.43
CA PRO B 33 16.47 8.86 11.39
C PRO B 33 15.17 9.59 11.08
N GLY B 34 14.91 9.85 9.81
CA GLY B 34 13.67 10.52 9.44
C GLY B 34 12.43 9.72 9.78
N ILE B 35 12.46 8.39 9.59
CA ILE B 35 11.28 7.59 9.87
C ILE B 35 11.09 7.42 11.38
N LEU B 36 12.18 7.39 12.14
CA LEU B 36 12.08 7.40 13.59
C LEU B 36 11.42 8.68 14.10
N ALA B 37 11.86 9.83 13.60
CA ALA B 37 11.22 11.10 13.95
C ALA B 37 9.75 11.11 13.56
N ALA B 38 9.45 10.67 12.33
CA ALA B 38 8.07 10.65 11.89
C ALA B 38 7.23 9.79 12.80
N ALA B 39 7.75 8.61 13.16
CA ALA B 39 6.96 7.67 13.95
C ALA B 39 6.68 8.24 15.33
N ASP B 40 7.67 8.87 15.95
CA ASP B 40 7.45 9.40 17.30
C ASP B 40 6.47 10.57 17.26
N ALA B 41 6.63 11.47 16.29
CA ALA B 41 5.72 12.60 16.18
C ALA B 41 4.30 12.14 15.89
N MET B 42 4.16 11.08 15.09
CA MET B 42 2.82 10.65 14.66
C MET B 42 2.03 10.06 15.83
N VAL B 43 2.65 9.16 16.60
CA VAL B 43 1.92 8.52 17.69
C VAL B 43 1.64 9.52 18.81
N LYS B 44 2.49 10.55 18.96
CA LYS B 44 2.22 11.55 20.00
C LYS B 44 1.21 12.60 19.55
N ALA B 45 0.99 12.76 18.25
CA ALA B 45 0.08 13.80 17.77
C ALA B 45 -1.36 13.32 17.65
N GLY B 46 -1.58 12.03 17.44
CA GLY B 46 -2.92 11.52 17.23
C GLY B 46 -3.10 10.18 17.92
N ARG B 47 -4.37 9.81 18.08
CA ARG B 47 -4.75 8.53 18.67
C ARG B 47 -4.66 7.47 17.57
N ILE B 48 -3.42 7.08 17.26
CA ILE B 48 -3.12 6.14 16.21
C ILE B 48 -2.22 5.04 16.75
N THR B 49 -2.12 3.97 15.96
CA THR B 49 -1.26 2.83 16.24
C THR B 49 -0.26 2.74 15.10
N ILE B 50 1.02 2.64 15.42
CA ILE B 50 2.04 2.30 14.42
C ILE B 50 2.00 0.79 14.23
N VAL B 51 1.65 0.34 13.02
CA VAL B 51 1.52 -1.09 12.78
C VAL B 51 2.72 -1.73 12.08
N GLY B 52 3.63 -0.94 11.53
CA GLY B 52 4.84 -1.52 10.94
C GLY B 52 5.66 -0.46 10.22
N TYR B 53 6.89 -0.86 9.86
CA TYR B 53 7.75 -0.04 9.00
C TYR B 53 8.37 -0.97 7.96
N ILE B 54 8.78 -0.40 6.83
CA ILE B 54 9.39 -1.14 5.73
C ILE B 54 10.77 -0.57 5.43
N ARG B 55 11.78 -1.44 5.36
CA ARG B 55 13.03 -1.10 4.68
C ARG B 55 12.78 -1.24 3.17
N ALA B 56 12.45 -0.14 2.52
CA ALA B 56 11.92 -0.17 1.16
C ALA B 56 12.99 -0.36 0.10
N GLY B 57 14.25 -0.21 0.44
CA GLY B 57 15.34 -0.20 -0.51
C GLY B 57 15.83 1.20 -0.80
N SER B 58 17.08 1.28 -1.26
CA SER B 58 17.74 2.56 -1.53
C SER B 58 17.76 3.47 -0.30
N ALA B 59 17.85 2.88 0.88
CA ALA B 59 17.89 3.62 2.16
C ALA B 59 16.59 4.34 2.45
N ARG B 60 15.51 4.00 1.75
CA ARG B 60 14.21 4.55 2.06
C ARG B 60 13.47 3.64 3.04
N PHE B 61 12.69 4.27 3.92
CA PHE B 61 11.94 3.57 4.93
C PHE B 61 10.51 4.07 4.91
N THR B 62 9.57 3.14 5.13
CA THR B 62 8.14 3.39 5.16
C THR B 62 7.62 3.20 6.58
N LEU B 63 6.70 4.06 7.01
CA LEU B 63 5.96 3.88 8.25
C LEU B 63 4.47 3.81 7.94
N ASN B 64 3.78 2.84 8.54
CA ASN B 64 2.34 2.70 8.36
C ASN B 64 1.61 2.76 9.69
N ILE B 65 0.51 3.53 9.72
CA ILE B 65 -0.27 3.74 10.93
C ILE B 65 -1.75 3.50 10.65
N ARG B 66 -2.51 3.24 11.72
CA ARG B 66 -3.95 3.04 11.64
C ARG B 66 -4.65 3.83 12.74
N GLY B 67 -5.92 4.15 12.49
CA GLY B 67 -6.75 4.83 13.47
C GLY B 67 -7.91 5.52 12.79
N ASP B 68 -8.72 6.20 13.60
CA ASP B 68 -9.77 7.07 13.05
C ASP B 68 -9.16 8.06 12.07
N VAL B 69 -9.87 8.35 10.99
CA VAL B 69 -9.27 9.12 9.89
C VAL B 69 -8.83 10.50 10.37
N GLN B 70 -9.60 11.14 11.25
CA GLN B 70 -9.18 12.45 11.72
C GLN B 70 -7.88 12.36 12.53
N GLU B 71 -7.75 11.29 13.34
CA GLU B 71 -6.51 11.08 14.07
C GLU B 71 -5.35 10.78 13.12
N VAL B 72 -5.60 10.01 12.07
CA VAL B 72 -4.53 9.74 11.12
C VAL B 72 -4.12 11.02 10.41
N LYS B 73 -5.08 11.88 10.09
CA LYS B 73 -4.76 13.15 9.42
C LYS B 73 -3.87 14.01 10.30
N THR B 74 -4.22 14.14 11.58
CA THR B 74 -3.40 14.96 12.47
C THR B 74 -2.00 14.36 12.63
N ALA B 75 -1.92 13.04 12.80
CA ALA B 75 -0.64 12.38 12.96
C ALA B 75 0.24 12.58 11.72
N MET B 76 -0.36 12.46 10.53
CA MET B 76 0.38 12.62 9.29
C MET B 76 0.99 14.01 9.19
N ALA B 77 0.20 15.05 9.49
CA ALA B 77 0.75 16.39 9.49
C ALA B 77 1.94 16.52 10.43
N ALA B 78 1.85 15.90 11.62
CA ALA B 78 2.95 15.97 12.57
C ALA B 78 4.16 15.15 12.10
N GLY B 79 3.91 14.02 11.44
CA GLY B 79 5.02 13.24 10.92
C GLY B 79 5.74 13.96 9.78
N ILE B 80 4.98 14.62 8.90
CA ILE B 80 5.61 15.41 7.85
C ILE B 80 6.45 16.52 8.45
N ASP B 81 5.90 17.24 9.44
CA ASP B 81 6.65 18.34 10.05
C ASP B 81 7.91 17.83 10.72
N ALA B 82 7.85 16.65 11.35
CA ALA B 82 9.00 16.09 12.03
C ALA B 82 10.11 15.73 11.06
N ILE B 83 9.76 15.11 9.94
CA ILE B 83 10.76 14.78 8.93
C ILE B 83 11.43 16.05 8.43
N ASN B 84 10.63 17.07 8.12
CA ASN B 84 11.18 18.29 7.55
C ASN B 84 12.14 18.99 8.51
N ARG B 85 12.05 18.74 9.80
CA ARG B 85 13.02 19.36 10.72
C ARG B 85 14.20 18.42 11.01
N THR B 86 14.18 17.18 10.56
CA THR B 86 15.28 16.25 10.81
C THR B 86 16.40 16.50 9.82
N GLU B 87 17.63 16.62 10.34
CA GLU B 87 18.75 16.94 9.47
C GLU B 87 18.97 15.81 8.48
N GLY B 88 18.87 16.13 7.19
CA GLY B 88 19.15 15.17 6.14
C GLY B 88 17.98 14.33 5.68
N ALA B 89 16.81 14.49 6.30
CA ALA B 89 15.63 13.74 5.93
C ALA B 89 14.73 14.56 5.01
N ASP B 90 13.93 13.88 4.20
CA ASP B 90 13.05 14.53 3.25
C ASP B 90 11.83 13.64 3.05
N VAL B 91 10.65 14.24 2.94
CA VAL B 91 9.45 13.45 2.68
C VAL B 91 9.44 13.10 1.20
N LYS B 92 9.39 11.81 0.89
CA LYS B 92 9.33 11.34 -0.49
C LYS B 92 7.92 11.16 -1.00
N THR B 93 7.01 10.64 -0.18
CA THR B 93 5.67 10.29 -0.62
C THR B 93 4.87 9.89 0.60
N TRP B 94 3.56 10.12 0.53
CA TRP B 94 2.69 9.81 1.66
C TRP B 94 1.27 9.68 1.13
N VAL B 95 0.43 8.95 1.86
CA VAL B 95 -0.98 8.82 1.50
C VAL B 95 -1.79 8.46 2.73
N ILE B 96 -3.07 8.84 2.70
CA ILE B 96 -4.07 8.39 3.66
C ILE B 96 -5.22 7.76 2.90
N ILE B 97 -5.61 6.55 3.31
CA ILE B 97 -6.79 5.86 2.79
C ILE B 97 -7.83 5.80 3.92
N PRO B 98 -8.97 6.47 3.80
CA PRO B 98 -9.91 6.50 4.94
C PRO B 98 -10.53 5.15 5.31
N ARG B 99 -10.84 4.33 4.32
CA ARG B 99 -11.60 3.09 4.54
C ARG B 99 -10.99 1.98 3.67
N PRO B 100 -9.83 1.46 4.07
CA PRO B 100 -9.15 0.49 3.20
C PRO B 100 -9.91 -0.82 3.10
N HIS B 101 -9.93 -1.34 1.87
CA HIS B 101 -10.61 -2.60 1.57
C HIS B 101 -9.92 -3.76 2.29
N GLU B 102 -10.74 -4.74 2.68
CA GLU B 102 -10.23 -5.93 3.38
C GLU B 102 -9.13 -6.65 2.58
N ASN B 103 -9.28 -6.72 1.25
CA ASN B 103 -8.26 -7.34 0.41
C ASN B 103 -6.93 -6.60 0.52
N VAL B 104 -6.97 -5.28 0.69
CA VAL B 104 -5.76 -4.48 0.83
C VAL B 104 -5.07 -4.78 2.15
N VAL B 105 -5.84 -4.85 3.24
CA VAL B 105 -5.29 -5.13 4.56
C VAL B 105 -4.74 -6.55 4.62
N ALA B 106 -5.30 -7.48 3.85
CA ALA B 106 -4.83 -8.86 3.88
C ALA B 106 -3.50 -9.01 3.16
N VAL B 107 -3.28 -8.26 2.08
CA VAL B 107 -2.10 -8.45 1.25
C VAL B 107 -0.96 -7.52 1.66
N LEU B 108 -1.26 -6.25 1.95
CA LEU B 108 -0.21 -5.29 2.30
C LEU B 108 0.02 -5.30 3.80
N PRO B 109 1.24 -4.95 4.26
CA PRO B 109 1.55 -5.09 5.71
C PRO B 109 1.02 -3.92 6.54
N ILE B 110 -0.30 -3.78 6.59
CA ILE B 110 -0.89 -2.65 7.28
C ILE B 110 -1.91 -3.10 8.31
N ASP B 111 -1.96 -4.39 8.59
CA ASP B 111 -2.88 -4.91 9.57
C ASP B 111 -2.26 -4.84 10.96
N PHE B 112 -3.09 -5.05 11.98
CA PHE B 112 -2.63 -5.08 13.35
C PHE B 112 -1.94 -6.42 13.65
N SER B 113 -1.32 -6.49 14.83
CA SER B 113 -0.62 -7.70 15.25
C SER B 113 -0.50 -7.68 16.77
N PRO B 114 -0.19 -8.82 17.38
CA PRO B 114 -0.05 -8.84 18.85
C PRO B 114 0.98 -7.87 19.39
N GLU B 115 2.05 -7.63 18.63
CA GLU B 115 3.10 -6.73 19.12
C GLU B 115 2.57 -5.32 19.38
N VAL B 116 1.56 -4.88 18.63
CA VAL B 116 1.01 -3.55 18.74
C VAL B 116 -0.36 -3.51 19.36
N GLU B 117 -0.88 -4.66 19.80
CA GLU B 117 -2.21 -4.68 20.40
C GLU B 117 -2.32 -3.76 21.61
N PRO B 118 -1.33 -3.68 22.51
CA PRO B 118 -1.43 -2.70 23.61
C PRO B 118 -1.74 -1.29 23.15
N PHE B 119 -1.24 -0.86 22.00
CA PHE B 119 -1.42 0.50 21.54
C PHE B 119 -2.66 0.68 20.67
N ARG B 120 -3.19 -0.41 20.12
CA ARG B 120 -4.52 -0.35 19.53
C ARG B 120 -5.58 -0.08 20.58
N GLU B 121 -5.46 -0.72 21.74
CA GLU B 121 -6.48 -0.60 22.78
C GLU B 121 -6.64 0.85 23.21
N ALA B 122 -5.55 1.48 23.68
CA ALA B 122 -5.62 2.87 24.09
C ALA B 122 -6.17 3.75 22.97
N ALA B 123 -5.74 3.49 21.73
CA ALA B 123 -6.25 4.23 20.59
C ALA B 123 -7.75 3.99 20.42
#